data_8RA0
#
_entry.id   8RA0
#
_cell.length_a   44.052
_cell.length_b   68.776
_cell.length_c   75.399
_cell.angle_alpha   90.000
_cell.angle_beta   96.833
_cell.angle_gamma   90.000
#
_symmetry.space_group_name_H-M   'P 1 21 1'
#
loop_
_entity.id
_entity.type
_entity.pdbx_description
1 polymer 'AMP-dependent synthetase'
2 non-polymer 'TETRAETHYLENE GLYCOL'
3 non-polymer 'CITRATE ANION'
4 water water
#
_entity_poly.entity_id   1
_entity_poly.type   'polypeptide(L)'
_entity_poly.pdbx_seq_one_letter_code
;(CXM)LYEALRDIAARRPDARAVTTADGASASYAELLDLIDRTAAGLRGHGVGAGDVIACSLRNSIRYVALILAAARIGA
RYVPLMSNFDRADIATALRLTGPRMIVTDHQREFPDQAPPRVRLETLEAATASPREAGERYDGLFRSLWTSGSTGFPKQM
VWRQDRFLRERRRWLADTGITADDVFFCRHTLDVAHATDLHVFAALLSGAELVLADPDAAPDVLLRQIAERRATAMSALP
RHYEEYVRAAAGRPAPDLSRLRRPLCGGAYVSAAQLTDAAEVLGIHIRQIYGSTEFGLAMGNMSDVLQAGVGMVPVEGVG
VRLEPLAADRPDLGELVLISDCTSEGYVGSDEANARTFRGEEFWTGDVAQRGPDGTLRVLGRVTETLAAAGGPLLAPVLD
EEIAAGCPVLETAALPAHPDRYSDEVLLVLHPDPDRPEQELRKAVAEVLDRHGLRASIRLTDDIPHTPVGKPDKPALRRR
WESGALGPVGEWHHGLEHHHHHH
;
_entity_poly.pdbx_strand_id   A
#
# COMPACT_ATOMS: atom_id res chain seq x y z
N LEU A 2 -7.76 20.16 -5.38
CA LEU A 2 -8.13 19.34 -4.23
C LEU A 2 -8.78 20.18 -3.14
N TYR A 3 -8.15 21.32 -2.81
CA TYR A 3 -8.76 22.19 -1.81
C TYR A 3 -10.15 22.63 -2.25
N GLU A 4 -10.28 23.02 -3.52
CA GLU A 4 -11.55 23.47 -4.04
C GLU A 4 -12.61 22.40 -3.83
N ALA A 5 -12.32 21.17 -4.28
CA ALA A 5 -13.30 20.10 -4.13
C ALA A 5 -13.64 19.89 -2.67
N LEU A 6 -12.64 19.94 -1.80
CA LEU A 6 -12.89 19.85 -0.36
C LEU A 6 -13.74 21.00 0.14
N ARG A 7 -13.50 22.20 -0.37
CA ARG A 7 -14.23 23.35 0.11
C ARG A 7 -15.69 23.28 -0.31
N ASP A 8 -15.97 22.83 -1.52
CA ASP A 8 -17.35 22.64 -1.95
C ASP A 8 -18.10 21.72 -1.00
N ILE A 9 -17.47 20.57 -0.67
CA ILE A 9 -18.10 19.61 0.25
C ILE A 9 -18.30 20.25 1.61
N ALA A 10 -17.26 20.88 2.14
CA ALA A 10 -17.39 21.54 3.44
C ALA A 10 -18.53 22.54 3.46
N ALA A 11 -18.69 23.33 2.39
CA ALA A 11 -19.74 24.36 2.37
C ALA A 11 -21.13 23.75 2.53
N ARG A 12 -21.38 22.59 1.94
CA ARG A 12 -22.70 21.97 2.06
C ARG A 12 -22.95 21.42 3.47
N ARG A 13 -21.92 20.85 4.10
CA ARG A 13 -22.06 20.27 5.45
C ARG A 13 -20.95 20.78 6.36
N PRO A 14 -20.92 22.09 6.65
CA PRO A 14 -19.80 22.64 7.42
C PRO A 14 -19.65 22.08 8.83
N ASP A 15 -20.77 21.72 9.48
CA ASP A 15 -20.72 21.25 10.87
C ASP A 15 -20.75 19.73 11.00
N ALA A 16 -20.61 19.01 9.90
CA ALA A 16 -20.52 17.56 9.92
C ALA A 16 -19.15 17.03 10.33
N ARG A 17 -19.13 15.89 11.04
N ARG A 17 -19.15 15.93 11.09
CA ARG A 17 -17.86 15.35 11.50
CA ARG A 17 -17.89 15.31 11.46
C ARG A 17 -17.05 14.80 10.32
C ARG A 17 -17.11 14.94 10.21
N ALA A 18 -15.81 15.25 10.21
CA ALA A 18 -14.92 14.95 9.09
C ALA A 18 -13.82 14.00 9.49
N VAL A 19 -13.19 14.26 10.62
CA VAL A 19 -12.09 13.42 11.08
C VAL A 19 -12.27 13.18 12.57
N THR A 20 -12.08 11.94 12.97
CA THR A 20 -12.02 11.51 14.35
C THR A 20 -10.73 10.74 14.53
N THR A 21 -10.00 11.01 15.61
CA THR A 21 -8.82 10.20 15.92
C THR A 21 -9.23 9.14 16.93
N ALA A 22 -8.52 8.01 16.89
CA ALA A 22 -8.78 6.93 17.84
C ALA A 22 -8.74 7.44 19.27
N ASP A 23 -7.75 8.26 19.59
CA ASP A 23 -7.61 8.78 20.96
C ASP A 23 -8.25 10.16 21.12
N GLY A 24 -9.47 10.34 20.64
CA GLY A 24 -10.32 11.42 21.11
C GLY A 24 -10.59 12.63 20.24
N ALA A 25 -9.60 13.10 19.50
CA ALA A 25 -9.72 14.37 18.80
C ALA A 25 -10.68 14.31 17.59
N SER A 26 -11.21 15.47 17.23
CA SER A 26 -12.17 15.48 16.13
C SER A 26 -12.12 16.82 15.44
N ALA A 27 -12.70 16.86 14.25
CA ALA A 27 -12.86 18.11 13.50
C ALA A 27 -14.06 17.98 12.57
N SER A 28 -14.93 18.98 12.57
CA SER A 28 -15.92 19.08 11.51
C SER A 28 -15.25 19.46 10.19
N TYR A 29 -16.04 19.44 9.12
CA TYR A 29 -15.52 19.90 7.84
C TYR A 29 -15.10 21.37 7.92
N ALA A 30 -15.92 22.20 8.57
CA ALA A 30 -15.58 23.61 8.70
C ALA A 30 -14.35 23.81 9.59
N GLU A 31 -14.25 23.05 10.69
CA GLU A 31 -13.06 23.13 11.52
C GLU A 31 -11.83 22.68 10.75
N LEU A 32 -11.96 21.61 9.96
CA LEU A 32 -10.80 21.13 9.21
C LEU A 32 -10.36 22.15 8.15
N LEU A 33 -11.31 22.70 7.42
CA LEU A 33 -10.93 23.78 6.48
C LEU A 33 -10.30 24.98 7.18
N ASP A 34 -10.75 25.32 8.39
CA ASP A 34 -10.12 26.41 9.13
C ASP A 34 -8.67 26.07 9.48
N LEU A 35 -8.42 24.82 9.90
CA LEU A 35 -7.07 24.36 10.18
C LEU A 35 -6.20 24.36 8.93
N ILE A 36 -6.75 23.91 7.81
CA ILE A 36 -6.01 24.01 6.54
C ILE A 36 -5.66 25.46 6.25
N ASP A 37 -6.64 26.35 6.36
CA ASP A 37 -6.40 27.76 6.03
C ASP A 37 -5.41 28.42 6.98
N ARG A 38 -5.47 28.05 8.27
CA ARG A 38 -4.52 28.55 9.25
C ARG A 38 -3.14 27.95 9.00
N THR A 39 -3.07 26.69 8.58
CA THR A 39 -1.78 26.09 8.26
C THR A 39 -1.19 26.72 6.99
N ALA A 40 -2.02 27.00 6.01
CA ALA A 40 -1.59 27.80 4.88
C ALA A 40 -1.01 29.14 5.34
N ALA A 41 -1.68 29.78 6.28
CA ALA A 41 -1.21 31.07 6.75
C ALA A 41 0.17 30.95 7.37
N GLY A 42 0.43 29.86 8.13
CA GLY A 42 1.73 29.76 8.77
C GLY A 42 2.80 29.35 7.79
N LEU A 43 2.44 28.52 6.83
CA LEU A 43 3.37 28.14 5.79
C LEU A 43 3.80 29.35 4.98
N ARG A 44 2.84 30.22 4.64
CA ARG A 44 3.22 31.48 3.99
C ARG A 44 4.08 32.32 4.92
N GLY A 45 3.72 32.37 6.20
CA GLY A 45 4.49 33.11 7.17
C GLY A 45 5.91 32.61 7.29
N HIS A 46 6.16 31.35 6.96
CA HIS A 46 7.50 30.78 7.03
C HIS A 46 8.19 30.82 5.68
N GLY A 47 7.68 31.60 4.73
CA GLY A 47 8.30 31.74 3.42
C GLY A 47 8.02 30.62 2.43
N VAL A 48 7.06 29.75 2.69
CA VAL A 48 6.73 28.70 1.75
C VAL A 48 5.71 29.19 0.73
N GLY A 49 5.94 28.85 -0.53
CA GLY A 49 5.05 29.28 -1.60
C GLY A 49 4.91 28.24 -2.70
N ALA A 50 4.32 28.64 -3.83
CA ALA A 50 4.01 27.70 -4.90
C ALA A 50 5.30 27.10 -5.42
N GLY A 51 5.27 25.80 -5.74
CA GLY A 51 6.44 25.14 -6.27
C GLY A 51 7.39 24.63 -5.22
N ASP A 52 7.33 25.13 -3.99
CA ASP A 52 8.23 24.67 -2.94
C ASP A 52 7.87 23.23 -2.53
N VAL A 53 8.84 22.58 -1.93
CA VAL A 53 8.68 21.21 -1.46
C VAL A 53 8.80 21.20 0.06
N ILE A 54 7.82 20.59 0.73
CA ILE A 54 7.70 20.50 2.19
C ILE A 54 7.92 19.03 2.54
N ALA A 55 9.04 18.71 3.15
CA ALA A 55 9.28 17.38 3.72
C ALA A 55 8.61 17.24 5.09
N CYS A 56 8.12 16.05 5.36
CA CYS A 56 7.30 15.77 6.53
C CYS A 56 7.92 14.61 7.31
N SER A 57 8.12 14.84 8.61
CA SER A 57 8.57 13.80 9.54
C SER A 57 7.53 13.80 10.68
N LEU A 58 6.39 13.13 10.42
CA LEU A 58 5.20 13.35 11.26
C LEU A 58 4.42 12.07 11.55
N ARG A 59 3.85 12.03 12.75
CA ARG A 59 2.93 10.96 13.12
C ARG A 59 1.54 11.26 12.57
N ASN A 60 0.64 10.27 12.68
CA ASN A 60 -0.71 10.47 12.19
C ASN A 60 -1.42 11.46 13.08
N SER A 61 -2.00 12.51 12.48
CA SER A 61 -2.72 13.51 13.25
C SER A 61 -3.62 14.30 12.30
N ILE A 62 -4.64 14.93 12.84
CA ILE A 62 -5.46 15.83 12.05
C ILE A 62 -4.60 16.95 11.48
N ARG A 63 -3.59 17.39 12.23
CA ARG A 63 -2.72 18.46 11.74
C ARG A 63 -1.97 18.03 10.48
N TYR A 64 -1.56 16.77 10.41
CA TYR A 64 -0.88 16.26 9.21
C TYR A 64 -1.85 16.19 8.02
N VAL A 65 -3.09 15.82 8.26
CA VAL A 65 -4.09 15.89 7.21
C VAL A 65 -4.24 17.33 6.74
N ALA A 66 -4.28 18.28 7.68
CA ALA A 66 -4.47 19.65 7.24
C ALA A 66 -3.25 20.12 6.46
N LEU A 67 -2.07 19.67 6.87
CA LEU A 67 -0.85 20.10 6.20
C LEU A 67 -0.85 19.66 4.75
N ILE A 68 -1.25 18.43 4.49
CA ILE A 68 -1.30 17.94 3.12
C ILE A 68 -2.19 18.86 2.30
N LEU A 69 -3.37 19.20 2.83
CA LEU A 69 -4.33 19.98 2.05
C LEU A 69 -3.88 21.43 1.88
N ALA A 70 -3.25 21.98 2.94
CA ALA A 70 -2.67 23.32 2.87
C ALA A 70 -1.56 23.37 1.83
N ALA A 71 -0.69 22.34 1.82
CA ALA A 71 0.33 22.29 0.77
C ALA A 71 -0.30 22.33 -0.62
N ALA A 72 -1.32 21.50 -0.83
CA ALA A 72 -1.97 21.46 -2.14
C ALA A 72 -2.62 22.78 -2.48
N ARG A 73 -3.16 23.46 -1.46
CA ARG A 73 -3.89 24.71 -1.68
C ARG A 73 -2.97 25.86 -2.09
N ILE A 74 -1.74 25.86 -1.61
CA ILE A 74 -0.84 26.95 -1.96
C ILE A 74 0.08 26.54 -3.09
N GLY A 75 -0.19 25.40 -3.71
CA GLY A 75 0.61 25.00 -4.84
C GLY A 75 1.97 24.51 -4.45
N ALA A 76 2.15 24.09 -3.22
CA ALA A 76 3.34 23.40 -2.78
C ALA A 76 3.18 21.89 -2.95
N ARG A 77 4.28 21.19 -2.73
CA ARG A 77 4.36 19.75 -2.91
C ARG A 77 4.96 19.16 -1.64
N TYR A 78 4.30 18.16 -1.06
CA TYR A 78 4.79 17.51 0.15
C TYR A 78 5.46 16.20 -0.17
N VAL A 79 6.37 15.78 0.72
CA VAL A 79 7.09 14.53 0.58
C VAL A 79 7.38 13.98 1.97
N PRO A 80 7.06 12.72 2.22
CA PRO A 80 7.40 12.15 3.53
C PRO A 80 8.84 11.71 3.64
N LEU A 81 9.43 11.95 4.81
CA LEU A 81 10.70 11.36 5.22
C LEU A 81 10.29 10.09 5.97
N MET A 82 10.24 8.98 5.22
CA MET A 82 9.72 7.71 5.73
C MET A 82 10.40 7.40 7.04
N SER A 83 9.61 6.89 7.96
CA SER A 83 10.12 6.55 9.29
C SER A 83 11.24 5.50 9.27
N ASN A 84 11.33 4.67 8.24
CA ASN A 84 12.44 3.73 8.17
C ASN A 84 13.69 4.32 7.51
N PHE A 85 13.65 5.59 7.14
CA PHE A 85 14.82 6.28 6.65
C PHE A 85 15.72 6.55 7.84
N ASP A 86 16.98 6.12 7.78
CA ASP A 86 17.94 6.56 8.78
C ASP A 86 18.56 7.88 8.31
N ARG A 87 19.49 8.40 9.13
CA ARG A 87 20.12 9.67 8.81
CA ARG A 87 20.12 9.67 8.81
C ARG A 87 20.66 9.70 7.39
N ALA A 88 21.27 8.62 6.95
CA ALA A 88 21.83 8.58 5.59
C ALA A 88 20.72 8.63 4.53
N ASP A 89 19.66 7.83 4.73
CA ASP A 89 18.57 7.84 3.75
C ASP A 89 17.83 9.18 3.76
N ILE A 90 17.78 9.86 4.90
CA ILE A 90 17.21 11.20 4.93
C ILE A 90 18.03 12.15 4.06
N ALA A 91 19.36 12.04 4.15
CA ALA A 91 20.22 12.87 3.31
C ALA A 91 19.93 12.62 1.83
N THR A 92 19.80 11.34 1.47
CA THR A 92 19.50 10.97 0.11
C THR A 92 18.12 11.47 -0.29
N ALA A 93 17.12 11.24 0.54
CA ALA A 93 15.78 11.74 0.20
C ALA A 93 15.77 13.27 0.01
N LEU A 94 16.55 13.97 0.82
CA LEU A 94 16.67 15.42 0.70
C LEU A 94 17.41 15.81 -0.58
N ARG A 95 18.44 15.04 -0.97
CA ARG A 95 19.12 15.37 -2.21
C ARG A 95 18.20 15.21 -3.40
N LEU A 96 17.23 14.29 -3.31
CA LEU A 96 16.37 14.06 -4.47
C LEU A 96 15.21 15.05 -4.57
N THR A 97 14.84 15.71 -3.49
CA THR A 97 13.64 16.53 -3.43
C THR A 97 13.93 18.02 -3.24
N GLY A 98 15.03 18.37 -2.54
CA GLY A 98 15.36 19.73 -2.23
C GLY A 98 14.26 20.53 -1.58
N PRO A 99 13.82 20.11 -0.40
CA PRO A 99 12.71 20.79 0.26
C PRO A 99 13.10 22.12 0.88
N ARG A 100 12.09 22.98 1.06
CA ARG A 100 12.23 24.32 1.67
C ARG A 100 12.25 24.22 3.18
N MET A 101 11.74 23.13 3.74
CA MET A 101 11.64 22.95 5.17
C MET A 101 11.28 21.49 5.46
N ILE A 102 11.52 21.09 6.70
CA ILE A 102 11.10 19.81 7.25
C ILE A 102 10.13 20.12 8.38
N VAL A 103 8.88 19.74 8.23
CA VAL A 103 7.91 19.85 9.32
C VAL A 103 8.03 18.62 10.19
N THR A 104 8.22 18.81 11.49
CA THR A 104 8.49 17.71 12.39
C THR A 104 7.54 17.78 13.58
N ASP A 105 7.27 16.61 14.15
CA ASP A 105 6.54 16.56 15.43
C ASP A 105 7.11 15.52 16.41
N HIS A 106 8.35 15.06 16.23
CA HIS A 106 8.98 14.13 17.14
C HIS A 106 10.48 14.26 16.98
N GLN A 107 11.20 13.90 18.04
CA GLN A 107 12.64 13.96 18.07
C GLN A 107 13.19 13.02 17.01
N ARG A 108 14.22 13.47 16.30
CA ARG A 108 14.79 12.73 15.19
C ARG A 108 16.05 13.44 14.74
N GLU A 109 17.06 12.65 14.42
CA GLU A 109 18.35 13.18 13.99
C GLU A 109 18.30 13.41 12.49
N PHE A 110 18.52 14.65 12.07
CA PHE A 110 18.63 14.99 10.65
C PHE A 110 20.08 15.20 10.28
N PRO A 111 20.42 15.10 8.99
CA PRO A 111 21.82 15.34 8.59
C PRO A 111 22.15 16.82 8.63
N ASP A 112 23.46 17.11 8.48
CA ASP A 112 24.02 18.39 8.88
C ASP A 112 23.43 19.56 8.10
N GLN A 113 23.23 19.40 6.79
CA GLN A 113 22.82 20.53 5.95
CA GLN A 113 22.81 20.55 5.97
C GLN A 113 21.32 20.51 5.62
N ALA A 114 20.53 19.76 6.34
CA ALA A 114 19.10 19.68 6.12
C ALA A 114 18.37 21.02 6.14
N PRO A 115 17.26 21.16 5.41
CA PRO A 115 16.48 22.39 5.50
C PRO A 115 15.98 22.62 6.91
N PRO A 116 15.50 23.82 7.22
CA PRO A 116 15.13 24.12 8.61
C PRO A 116 13.95 23.27 9.05
N ARG A 117 14.01 22.79 10.28
CA ARG A 117 12.91 22.03 10.85
C ARG A 117 11.92 23.00 11.48
N VAL A 118 10.63 22.72 11.29
CA VAL A 118 9.56 23.53 11.87
C VAL A 118 8.60 22.59 12.59
N ARG A 119 8.29 22.92 13.83
CA ARG A 119 7.40 22.08 14.62
C ARG A 119 5.98 22.23 14.07
N LEU A 120 5.33 21.09 13.84
CA LEU A 120 4.04 21.05 13.14
C LEU A 120 3.04 22.01 13.74
N GLU A 121 2.91 22.01 15.06
CA GLU A 121 1.82 22.74 15.70
C GLU A 121 2.00 24.24 15.50
N THR A 122 3.25 24.69 15.29
CA THR A 122 3.50 26.13 15.16
C THR A 122 3.14 26.64 13.78
N LEU A 123 2.92 25.75 12.82
CA LEU A 123 2.42 26.15 11.52
C LEU A 123 0.96 26.56 11.57
N GLU A 124 0.21 26.22 12.64
CA GLU A 124 -1.18 26.67 12.75
C GLU A 124 -1.26 28.11 13.22
N ALA A 125 -1.35 29.03 12.29
CA ALA A 125 -1.49 30.43 12.65
C ALA A 125 -2.80 30.63 13.39
N ALA A 126 -2.85 31.68 14.20
CA ALA A 126 -4.09 31.99 14.90
C ALA A 126 -5.15 32.48 13.92
N THR A 127 -4.74 33.25 12.91
CA THR A 127 -5.67 33.89 11.99
C THR A 127 -5.60 33.15 10.66
N ALA A 128 -6.76 32.74 10.16
CA ALA A 128 -6.80 31.90 8.96
C ALA A 128 -6.60 32.76 7.71
N SER A 129 -5.89 32.20 6.72
CA SER A 129 -5.78 32.84 5.40
C SER A 129 -6.87 32.30 4.50
N PRO A 130 -7.97 33.02 4.29
CA PRO A 130 -8.99 32.53 3.35
C PRO A 130 -8.37 32.33 1.97
N ARG A 131 -8.80 31.28 1.28
CA ARG A 131 -8.27 31.07 -0.05
C ARG A 131 -8.87 32.11 -0.99
N GLU A 132 -8.02 32.70 -1.82
CA GLU A 132 -8.43 33.82 -2.64
C GLU A 132 -9.07 33.33 -3.93
N ALA A 133 -10.10 34.03 -4.38
CA ALA A 133 -10.75 33.71 -5.63
C ALA A 133 -9.72 33.68 -6.76
N GLY A 134 -9.89 32.74 -7.67
CA GLY A 134 -8.98 32.64 -8.80
C GLY A 134 -7.73 31.84 -8.54
N GLU A 135 -7.57 31.29 -7.34
CA GLU A 135 -6.43 30.45 -7.05
C GLU A 135 -6.82 28.99 -7.30
N ARG A 136 -6.06 28.31 -8.16
CA ARG A 136 -6.23 26.88 -8.36
C ARG A 136 -4.91 26.30 -8.84
N TYR A 137 -4.53 25.16 -8.28
CA TYR A 137 -3.30 24.46 -8.66
C TYR A 137 -3.68 23.08 -9.15
N ASP A 138 -3.34 22.81 -10.40
CA ASP A 138 -3.63 21.54 -11.04
C ASP A 138 -2.40 20.64 -11.16
N GLY A 139 -1.21 21.18 -10.88
CA GLY A 139 0.04 20.47 -11.04
C GLY A 139 0.46 19.64 -9.85
N LEU A 140 1.77 19.41 -9.79
CA LEU A 140 2.33 18.51 -8.79
C LEU A 140 2.00 19.02 -7.39
N PHE A 141 1.61 18.08 -6.53
CA PHE A 141 1.35 18.38 -5.13
C PHE A 141 1.97 17.36 -4.17
N ARG A 142 2.53 16.25 -4.67
CA ARG A 142 3.18 15.31 -3.76
C ARG A 142 4.23 14.48 -4.48
N SER A 143 5.30 14.17 -3.73
CA SER A 143 6.26 13.13 -4.07
C SER A 143 6.04 11.99 -3.09
N LEU A 144 5.93 10.75 -3.62
CA LEU A 144 5.82 9.55 -2.81
C LEU A 144 6.90 8.55 -3.20
N TRP A 145 7.04 7.50 -2.37
CA TRP A 145 8.12 6.53 -2.50
C TRP A 145 7.59 5.13 -2.76
N THR A 146 8.32 4.38 -3.56
CA THR A 146 7.97 2.99 -3.78
C THR A 146 8.36 2.19 -2.54
N SER A 147 8.06 0.90 -2.55
CA SER A 147 8.42 0.02 -1.46
C SER A 147 8.76 -1.35 -2.03
N GLY A 148 9.54 -2.10 -1.26
CA GLY A 148 9.82 -3.48 -1.60
C GLY A 148 11.04 -3.69 -2.46
N SER A 149 11.82 -2.65 -2.72
CA SER A 149 13.09 -2.78 -3.39
C SER A 149 14.21 -2.72 -2.37
N THR A 150 15.31 -3.42 -2.66
CA THR A 150 16.51 -3.27 -1.85
C THR A 150 17.19 -1.92 -2.10
N GLY A 151 16.92 -1.29 -3.26
CA GLY A 151 17.46 0.02 -3.52
C GLY A 151 16.73 1.09 -2.76
N PHE A 152 17.32 2.28 -2.78
CA PHE A 152 16.58 3.43 -2.28
C PHE A 152 15.30 3.54 -3.09
N PRO A 153 14.17 3.78 -2.46
CA PRO A 153 12.91 3.78 -3.21
C PRO A 153 12.82 4.87 -4.29
N LYS A 154 12.10 4.55 -5.36
CA LYS A 154 11.91 5.46 -6.48
C LYS A 154 10.91 6.55 -6.10
N GLN A 155 11.17 7.77 -6.53
CA GLN A 155 10.27 8.89 -6.25
C GLN A 155 9.17 8.97 -7.32
N MET A 156 7.91 9.01 -6.87
CA MET A 156 6.72 9.19 -7.72
C MET A 156 6.13 10.58 -7.44
N VAL A 157 5.70 11.27 -8.49
CA VAL A 157 5.03 12.56 -8.33
C VAL A 157 3.63 12.52 -8.97
N TRP A 158 2.65 13.08 -8.25
CA TRP A 158 1.27 13.16 -8.74
C TRP A 158 0.84 14.61 -8.93
N ARG A 159 0.09 14.88 -10.03
CA ARG A 159 -0.63 16.15 -10.20
C ARG A 159 -1.99 16.12 -9.50
N GLN A 160 -2.46 17.31 -9.10
CA GLN A 160 -3.77 17.37 -8.44
C GLN A 160 -4.91 16.98 -9.38
N ASP A 161 -4.89 17.46 -10.64
CA ASP A 161 -6.03 17.13 -11.50
C ASP A 161 -6.12 15.63 -11.71
N ARG A 162 -5.00 14.96 -11.97
CA ARG A 162 -5.08 13.55 -12.29
C ARG A 162 -5.45 12.74 -11.05
N PHE A 163 -4.95 13.16 -9.89
CA PHE A 163 -5.27 12.48 -8.66
C PHE A 163 -6.74 12.63 -8.34
N LEU A 164 -7.27 13.85 -8.48
CA LEU A 164 -8.66 14.08 -8.12
C LEU A 164 -9.58 13.28 -9.03
N ARG A 165 -9.25 13.22 -10.32
CA ARG A 165 -10.05 12.42 -11.24
C ARG A 165 -9.96 10.94 -10.89
N GLU A 166 -8.74 10.48 -10.55
CA GLU A 166 -8.55 9.05 -10.24
C GLU A 166 -9.33 8.66 -8.99
N ARG A 167 -9.28 9.50 -7.94
CA ARG A 167 -10.04 9.19 -6.72
C ARG A 167 -11.55 9.23 -6.98
N ARG A 168 -12.06 10.22 -7.75
CA ARG A 168 -13.50 10.27 -8.01
C ARG A 168 -13.96 9.03 -8.78
N ARG A 169 -13.13 8.53 -9.68
CA ARG A 169 -13.50 7.33 -10.44
C ARG A 169 -13.65 6.15 -9.49
N TRP A 170 -12.66 5.95 -8.62
CA TRP A 170 -12.70 4.83 -7.69
C TRP A 170 -13.86 4.97 -6.74
N LEU A 171 -14.12 6.17 -6.24
CA LEU A 171 -15.21 6.39 -5.31
C LEU A 171 -16.54 6.05 -5.96
N ALA A 172 -16.68 6.34 -7.26
CA ALA A 172 -17.92 6.01 -7.97
C ALA A 172 -18.07 4.51 -8.09
N ASP A 173 -17.03 3.83 -8.59
CA ASP A 173 -17.07 2.38 -8.78
C ASP A 173 -17.34 1.67 -7.47
N THR A 174 -16.75 2.15 -6.38
CA THR A 174 -16.74 1.45 -5.10
C THR A 174 -17.98 1.74 -4.25
N GLY A 175 -18.79 2.72 -4.62
CA GLY A 175 -20.02 2.96 -3.89
C GLY A 175 -19.84 3.76 -2.61
N ILE A 176 -18.80 4.58 -2.54
CA ILE A 176 -18.57 5.39 -1.33
C ILE A 176 -19.57 6.53 -1.29
N THR A 177 -20.20 6.76 -0.14
CA THR A 177 -21.10 7.89 0.05
C THR A 177 -20.72 8.60 1.33
N ALA A 178 -21.40 9.71 1.61
CA ALA A 178 -21.18 10.47 2.83
C ALA A 178 -21.45 9.65 4.08
N ASP A 179 -22.19 8.52 3.96
CA ASP A 179 -22.49 7.65 5.10
C ASP A 179 -21.26 6.95 5.63
N ASP A 180 -20.21 6.84 4.80
CA ASP A 180 -19.11 5.96 5.10
C ASP A 180 -18.14 6.51 6.13
N VAL A 181 -17.50 5.60 6.86
CA VAL A 181 -16.54 5.91 7.90
C VAL A 181 -15.28 5.11 7.60
N PHE A 182 -14.18 5.78 7.25
CA PHE A 182 -12.94 5.11 6.87
C PHE A 182 -12.01 4.95 8.06
N PHE A 183 -11.51 3.73 8.27
CA PHE A 183 -10.61 3.45 9.37
C PHE A 183 -9.20 3.27 8.82
N CYS A 184 -8.30 4.16 9.22
CA CYS A 184 -6.97 4.26 8.60
C CYS A 184 -5.92 3.97 9.65
N ARG A 185 -5.31 2.77 9.60
CA ARG A 185 -4.27 2.40 10.56
C ARG A 185 -2.89 2.31 9.88
N HIS A 186 -2.66 3.11 8.84
CA HIS A 186 -1.38 3.22 8.18
C HIS A 186 -0.84 4.62 8.33
N THR A 187 0.47 4.78 8.16
CA THR A 187 1.03 6.11 8.27
C THR A 187 0.55 6.96 7.10
N LEU A 188 0.25 8.23 7.38
CA LEU A 188 -0.13 9.16 6.33
C LEU A 188 0.97 9.36 5.31
N ASP A 189 2.19 8.86 5.59
CA ASP A 189 3.28 8.97 4.61
C ASP A 189 3.01 8.16 3.33
N VAL A 190 2.07 7.21 3.34
CA VAL A 190 1.88 6.32 2.19
C VAL A 190 0.49 6.46 1.59
N ALA A 191 0.40 6.11 0.31
CA ALA A 191 -0.88 6.21 -0.39
C ALA A 191 -1.92 5.24 0.17
N HIS A 192 -1.48 4.13 0.75
CA HIS A 192 -2.43 3.24 1.40
C HIS A 192 -3.28 3.99 2.43
N ALA A 193 -2.66 4.90 3.17
CA ALA A 193 -3.42 5.82 4.00
C ALA A 193 -4.12 6.93 3.20
N THR A 194 -3.36 7.72 2.47
CA THR A 194 -3.91 9.00 2.01
C THR A 194 -4.91 8.78 0.89
N ASP A 195 -4.74 7.70 0.12
CA ASP A 195 -5.58 7.52 -1.05
C ASP A 195 -6.83 6.72 -0.72
N LEU A 196 -6.66 5.58 -0.02
CA LEU A 196 -7.78 4.72 0.26
C LEU A 196 -8.57 5.17 1.48
N HIS A 197 -8.01 6.09 2.26
CA HIS A 197 -8.75 6.54 3.44
C HIS A 197 -8.96 8.04 3.55
N VAL A 198 -7.90 8.83 3.42
CA VAL A 198 -8.01 10.25 3.76
C VAL A 198 -8.80 10.97 2.67
N PHE A 199 -8.23 11.02 1.47
CA PHE A 199 -8.94 11.65 0.37
C PHE A 199 -10.19 10.89 -0.03
N ALA A 200 -10.21 9.55 0.16
CA ALA A 200 -11.44 8.81 -0.11
C ALA A 200 -12.61 9.28 0.77
N ALA A 201 -12.33 9.58 2.03
CA ALA A 201 -13.39 10.08 2.88
C ALA A 201 -13.70 11.55 2.60
N LEU A 202 -12.69 12.38 2.42
CA LEU A 202 -12.94 13.81 2.38
C LEU A 202 -13.52 14.26 1.04
N LEU A 203 -13.10 13.62 -0.06
CA LEU A 203 -13.68 13.91 -1.38
C LEU A 203 -15.10 13.35 -1.48
N SER A 204 -15.54 12.57 -0.50
CA SER A 204 -16.87 11.99 -0.48
C SER A 204 -17.80 12.65 0.51
N GLY A 205 -17.27 13.48 1.39
CA GLY A 205 -18.13 14.00 2.42
C GLY A 205 -18.33 12.99 3.52
N ALA A 206 -17.50 11.98 3.61
CA ALA A 206 -17.59 10.92 4.60
C ALA A 206 -16.73 11.26 5.80
N GLU A 207 -16.53 10.28 6.68
CA GLU A 207 -15.75 10.48 7.88
C GLU A 207 -14.47 9.67 7.79
N LEU A 208 -13.42 10.23 8.36
CA LEU A 208 -12.12 9.59 8.44
C LEU A 208 -11.79 9.35 9.92
N VAL A 209 -11.41 8.12 10.25
CA VAL A 209 -10.89 7.78 11.57
C VAL A 209 -9.38 7.57 11.46
N LEU A 210 -8.60 8.39 12.16
CA LEU A 210 -7.15 8.19 12.19
C LEU A 210 -6.77 7.35 13.40
N ALA A 211 -6.28 6.14 13.15
CA ALA A 211 -5.80 5.26 14.19
C ALA A 211 -4.28 5.28 14.25
N ASP A 212 -3.73 4.66 15.30
CA ASP A 212 -2.29 4.57 15.49
C ASP A 212 -1.74 3.39 14.72
N PRO A 213 -0.89 3.60 13.70
CA PRO A 213 -0.30 2.46 12.99
C PRO A 213 0.49 1.53 13.89
N ASP A 214 0.90 1.96 15.08
CA ASP A 214 1.66 1.11 16.00
C ASP A 214 0.80 0.29 16.96
N ALA A 215 -0.53 0.49 16.95
CA ALA A 215 -1.35 -0.17 17.94
C ALA A 215 -1.39 -1.66 17.66
N ALA A 216 -1.42 -2.44 18.73
CA ALA A 216 -1.61 -3.88 18.64
C ALA A 216 -2.94 -4.24 18.00
N PRO A 217 -3.00 -5.36 17.27
CA PRO A 217 -4.22 -5.67 16.50
C PRO A 217 -5.49 -5.79 17.34
N ASP A 218 -5.40 -6.25 18.59
CA ASP A 218 -6.58 -6.29 19.45
CA ASP A 218 -6.59 -6.29 19.44
C ASP A 218 -7.12 -4.89 19.70
N VAL A 219 -6.23 -3.91 19.84
CA VAL A 219 -6.64 -2.54 20.06
C VAL A 219 -7.35 -2.00 18.81
N LEU A 220 -6.68 -2.13 17.66
CA LEU A 220 -7.28 -1.70 16.39
C LEU A 220 -8.63 -2.37 16.15
N LEU A 221 -8.78 -3.66 16.49
CA LEU A 221 -10.05 -4.33 16.26
C LEU A 221 -11.14 -3.74 17.12
N ARG A 222 -10.84 -3.45 18.40
CA ARG A 222 -11.84 -2.80 19.23
C ARG A 222 -12.20 -1.44 18.63
N GLN A 223 -11.23 -0.74 18.06
CA GLN A 223 -11.48 0.61 17.58
C GLN A 223 -12.27 0.59 16.28
N ILE A 224 -12.04 -0.43 15.45
CA ILE A 224 -12.78 -0.55 14.19
C ILE A 224 -14.27 -0.71 14.49
N ALA A 225 -14.58 -1.39 15.59
CA ALA A 225 -15.95 -1.65 15.98
C ALA A 225 -16.54 -0.45 16.71
N GLU A 226 -15.81 0.10 17.67
CA GLU A 226 -16.29 1.24 18.43
C GLU A 226 -16.60 2.42 17.50
N ARG A 227 -15.69 2.73 16.59
CA ARG A 227 -15.89 3.89 15.72
C ARG A 227 -16.82 3.60 14.55
N ARG A 228 -17.33 2.37 14.45
CA ARG A 228 -18.38 2.02 13.47
C ARG A 228 -17.88 2.14 12.03
N ALA A 229 -16.61 1.86 11.80
CA ALA A 229 -16.07 2.01 10.47
C ALA A 229 -16.81 1.14 9.47
N THR A 230 -17.03 1.71 8.28
CA THR A 230 -17.64 1.01 7.16
C THR A 230 -16.63 0.66 6.10
N ALA A 231 -15.47 1.30 6.10
CA ALA A 231 -14.51 1.03 5.04
C ALA A 231 -13.09 1.17 5.52
N MET A 232 -12.23 0.32 5.00
CA MET A 232 -10.82 0.35 5.37
C MET A 232 -10.09 -0.52 4.37
N SER A 233 -8.80 -0.25 4.22
CA SER A 233 -7.95 -1.07 3.39
C SER A 233 -6.72 -1.42 4.22
N ALA A 234 -6.31 -2.69 4.15
CA ALA A 234 -5.13 -3.16 4.86
C ALA A 234 -4.51 -4.27 4.04
N LEU A 235 -3.24 -4.54 4.31
CA LEU A 235 -2.53 -5.60 3.64
C LEU A 235 -3.00 -6.95 4.13
N PRO A 236 -2.76 -8.00 3.32
CA PRO A 236 -3.01 -9.36 3.83
C PRO A 236 -2.44 -9.59 5.21
N ARG A 237 -1.17 -9.24 5.45
N ARG A 237 -1.17 -9.22 5.44
CA ARG A 237 -0.59 -9.46 6.77
CA ARG A 237 -0.55 -9.42 6.75
C ARG A 237 -1.39 -8.78 7.87
C ARG A 237 -1.39 -8.78 7.86
N HIS A 238 -2.00 -7.64 7.56
CA HIS A 238 -2.81 -6.97 8.57
C HIS A 238 -4.06 -7.77 8.90
N TYR A 239 -4.70 -8.35 7.88
CA TYR A 239 -5.87 -9.18 8.13
C TYR A 239 -5.46 -10.47 8.85
N GLU A 240 -4.30 -11.04 8.50
CA GLU A 240 -3.86 -12.23 9.25
C GLU A 240 -3.65 -11.89 10.71
N GLU A 241 -3.19 -10.67 11.00
CA GLU A 241 -3.03 -10.26 12.40
C GLU A 241 -4.39 -10.14 13.09
N TYR A 242 -5.31 -9.38 12.50
CA TYR A 242 -6.68 -9.35 12.99
C TYR A 242 -7.21 -10.74 13.28
N VAL A 243 -7.11 -11.66 12.30
CA VAL A 243 -7.64 -13.01 12.46
C VAL A 243 -7.02 -13.70 13.67
N ARG A 244 -5.68 -13.71 13.75
CA ARG A 244 -5.02 -14.37 14.88
C ARG A 244 -5.49 -13.78 16.21
N ALA A 245 -5.73 -12.46 16.25
CA ALA A 245 -6.14 -11.83 17.51
C ALA A 245 -7.54 -12.22 17.89
N ALA A 246 -8.39 -12.48 16.91
CA ALA A 246 -9.79 -12.85 17.15
C ALA A 246 -10.05 -14.34 17.15
N ALA A 247 -9.14 -15.14 16.60
CA ALA A 247 -9.37 -16.58 16.50
C ALA A 247 -9.68 -17.21 17.85
N GLY A 248 -10.75 -17.99 17.88
CA GLY A 248 -11.15 -18.68 19.10
C GLY A 248 -12.00 -17.86 20.03
N ARG A 249 -12.13 -16.57 19.80
CA ARG A 249 -12.92 -15.68 20.63
C ARG A 249 -14.27 -15.43 19.99
N PRO A 250 -15.28 -14.99 20.75
CA PRO A 250 -16.54 -14.60 20.12
C PRO A 250 -16.31 -13.49 19.10
N ALA A 251 -17.01 -13.60 17.97
CA ALA A 251 -16.69 -12.78 16.83
C ALA A 251 -16.82 -11.29 17.16
N PRO A 252 -15.93 -10.45 16.62
CA PRO A 252 -16.09 -9.00 16.81
C PRO A 252 -17.29 -8.48 16.05
N ASP A 253 -17.75 -7.29 16.44
CA ASP A 253 -18.85 -6.66 15.73
C ASP A 253 -18.32 -5.80 14.59
N LEU A 254 -18.07 -6.46 13.45
CA LEU A 254 -17.68 -5.80 12.22
C LEU A 254 -18.83 -5.70 11.24
N SER A 255 -20.06 -5.69 11.74
CA SER A 255 -21.21 -5.66 10.87
C SER A 255 -21.25 -4.40 10.01
N ARG A 256 -20.65 -3.30 10.47
CA ARG A 256 -20.68 -2.10 9.67
C ARG A 256 -19.68 -2.11 8.53
N LEU A 257 -18.75 -3.08 8.50
CA LEU A 257 -17.71 -3.09 7.47
C LEU A 257 -18.28 -3.61 6.15
N ARG A 258 -18.88 -2.73 5.35
CA ARG A 258 -19.35 -3.05 4.02
C ARG A 258 -18.25 -2.95 2.97
N ARG A 259 -17.07 -2.43 3.32
CA ARG A 259 -15.97 -2.29 2.35
C ARG A 259 -14.67 -2.61 3.06
N PRO A 260 -14.53 -3.85 3.54
CA PRO A 260 -13.24 -4.31 4.08
C PRO A 260 -12.31 -4.71 2.94
N LEU A 261 -11.45 -3.79 2.58
CA LEU A 261 -10.65 -3.92 1.37
C LEU A 261 -9.30 -4.51 1.73
N CYS A 262 -8.79 -5.33 0.82
CA CYS A 262 -7.48 -5.93 1.00
C CYS A 262 -6.74 -5.91 -0.33
N GLY A 263 -5.51 -5.42 -0.31
CA GLY A 263 -4.60 -5.50 -1.44
C GLY A 263 -3.18 -5.26 -1.01
N GLY A 264 -2.30 -5.38 -1.98
CA GLY A 264 -0.89 -5.08 -1.81
C GLY A 264 0.01 -6.30 -1.77
N ALA A 265 -0.57 -7.49 -1.69
CA ALA A 265 0.21 -8.72 -1.60
C ALA A 265 -0.74 -9.86 -1.92
N TYR A 266 -0.19 -11.08 -1.95
CA TYR A 266 -0.99 -12.27 -2.22
C TYR A 266 -2.01 -12.47 -1.11
N VAL A 267 -3.28 -12.58 -1.48
CA VAL A 267 -4.37 -12.92 -0.55
C VAL A 267 -4.89 -14.28 -0.98
N SER A 268 -4.65 -15.29 -0.15
CA SER A 268 -5.03 -16.66 -0.47
C SER A 268 -6.52 -16.93 -0.20
N ALA A 269 -7.00 -18.04 -0.74
CA ALA A 269 -8.33 -18.53 -0.42
C ALA A 269 -8.46 -18.79 1.08
N ALA A 270 -7.40 -19.28 1.71
CA ALA A 270 -7.47 -19.58 3.14
C ALA A 270 -7.56 -18.31 3.98
N GLN A 271 -6.78 -17.29 3.61
CA GLN A 271 -6.93 -16.01 4.29
C GLN A 271 -8.36 -15.46 4.18
N LEU A 272 -8.97 -15.59 3.00
CA LEU A 272 -10.31 -15.03 2.81
C LEU A 272 -11.33 -15.85 3.58
N THR A 273 -11.16 -17.17 3.59
CA THR A 273 -12.09 -18.02 4.32
C THR A 273 -11.91 -17.83 5.83
N ASP A 274 -10.67 -17.76 6.29
CA ASP A 274 -10.37 -17.38 7.68
C ASP A 274 -11.09 -16.09 8.09
N ALA A 275 -10.96 -15.02 7.28
CA ALA A 275 -11.54 -13.74 7.66
C ALA A 275 -13.05 -13.88 7.84
N ALA A 276 -13.69 -14.66 6.97
CA ALA A 276 -15.12 -14.90 7.13
C ALA A 276 -15.40 -15.65 8.43
N GLU A 277 -14.70 -16.76 8.66
CA GLU A 277 -15.01 -17.62 9.80
C GLU A 277 -14.69 -16.92 11.12
N VAL A 278 -13.55 -16.23 11.20
CA VAL A 278 -13.08 -15.67 12.46
C VAL A 278 -13.62 -14.26 12.67
N LEU A 279 -13.55 -13.42 11.63
CA LEU A 279 -13.92 -12.02 11.76
C LEU A 279 -15.34 -11.76 11.34
N GLY A 280 -15.94 -12.69 10.59
CA GLY A 280 -17.30 -12.55 10.12
C GLY A 280 -17.47 -11.48 9.06
N ILE A 281 -16.44 -11.24 8.25
CA ILE A 281 -16.48 -10.29 7.14
C ILE A 281 -16.16 -11.02 5.84
N HIS A 282 -16.61 -10.42 4.72
CA HIS A 282 -16.18 -10.83 3.39
C HIS A 282 -15.16 -9.80 2.92
N ILE A 283 -13.89 -10.19 2.91
CA ILE A 283 -12.85 -9.29 2.46
C ILE A 283 -13.09 -9.04 0.99
N ARG A 284 -13.00 -7.77 0.59
CA ARG A 284 -13.11 -7.38 -0.82
C ARG A 284 -11.73 -7.15 -1.43
N GLN A 285 -11.35 -7.94 -2.41
CA GLN A 285 -10.05 -7.79 -3.03
C GLN A 285 -9.98 -6.50 -3.86
N ILE A 286 -8.88 -5.75 -3.68
CA ILE A 286 -8.58 -4.59 -4.52
C ILE A 286 -7.17 -4.78 -5.05
N TYR A 287 -6.86 -3.97 -6.05
CA TYR A 287 -5.54 -3.99 -6.67
C TYR A 287 -5.20 -2.62 -7.25
N GLY A 288 -4.00 -2.15 -6.95
CA GLY A 288 -3.46 -0.99 -7.62
C GLY A 288 -2.03 -0.77 -7.23
N SER A 289 -1.60 0.48 -7.34
CA SER A 289 -0.21 0.83 -7.02
C SER A 289 -0.14 2.34 -6.84
N THR A 290 0.88 2.79 -6.11
CA THR A 290 1.05 4.23 -5.99
C THR A 290 1.35 4.87 -7.33
N GLU A 291 1.97 4.12 -8.25
CA GLU A 291 2.27 4.66 -9.57
C GLU A 291 1.00 4.92 -10.37
N PHE A 292 -0.02 4.10 -10.14
CA PHE A 292 -1.18 4.06 -11.02
C PHE A 292 -2.45 4.60 -10.36
N GLY A 293 -2.62 4.44 -9.07
CA GLY A 293 -3.96 4.49 -8.49
C GLY A 293 -4.60 3.12 -8.43
N LEU A 294 -5.92 3.12 -8.27
CA LEU A 294 -6.66 1.88 -8.13
C LEU A 294 -7.07 1.36 -9.50
N ALA A 295 -6.82 0.07 -9.73
CA ALA A 295 -7.03 -0.52 -11.05
C ALA A 295 -8.17 -1.52 -11.09
N MET A 296 -8.28 -2.37 -10.08
CA MET A 296 -9.31 -3.41 -10.08
C MET A 296 -9.79 -3.69 -8.66
N GLY A 297 -10.92 -4.40 -8.58
CA GLY A 297 -11.42 -4.89 -7.31
C GLY A 297 -12.58 -5.83 -7.51
N ASN A 298 -13.04 -6.39 -6.38
CA ASN A 298 -14.26 -7.20 -6.35
C ASN A 298 -15.04 -6.72 -5.14
N MET A 299 -16.00 -5.83 -5.37
CA MET A 299 -16.84 -5.29 -4.30
C MET A 299 -18.02 -6.20 -3.93
N SER A 300 -18.15 -7.40 -4.50
CA SER A 300 -19.27 -8.29 -4.14
C SER A 300 -19.18 -8.71 -2.67
N ASP A 301 -20.32 -8.70 -1.98
CA ASP A 301 -20.35 -9.11 -0.58
C ASP A 301 -20.57 -10.62 -0.54
N VAL A 302 -19.55 -11.34 -0.99
CA VAL A 302 -19.51 -12.80 -0.91
C VAL A 302 -18.11 -13.18 -0.45
N LEU A 303 -17.99 -14.40 0.04
CA LEU A 303 -16.68 -14.96 0.33
C LEU A 303 -15.95 -15.11 -0.98
N GLN A 304 -14.79 -14.45 -1.12
CA GLN A 304 -14.18 -14.36 -2.43
C GLN A 304 -13.08 -15.39 -2.66
N ALA A 305 -13.07 -16.47 -1.90
CA ALA A 305 -12.07 -17.50 -2.13
C ALA A 305 -12.25 -18.03 -3.55
N GLY A 306 -11.16 -18.10 -4.31
CA GLY A 306 -11.24 -18.62 -5.67
C GLY A 306 -11.92 -17.72 -6.68
N VAL A 307 -12.02 -16.43 -6.39
CA VAL A 307 -12.69 -15.46 -7.25
C VAL A 307 -11.76 -14.28 -7.49
N GLY A 308 -11.77 -13.75 -8.70
CA GLY A 308 -10.88 -12.67 -9.09
C GLY A 308 -11.55 -11.32 -8.95
N MET A 309 -10.94 -10.32 -9.59
CA MET A 309 -11.44 -8.95 -9.61
C MET A 309 -11.86 -8.51 -11.00
N VAL A 310 -12.46 -7.33 -11.08
CA VAL A 310 -12.79 -6.74 -12.37
C VAL A 310 -12.20 -5.31 -12.40
N PRO A 311 -12.00 -4.77 -13.59
CA PRO A 311 -11.49 -3.39 -13.65
C PRO A 311 -12.41 -2.42 -12.95
N VAL A 312 -11.80 -1.46 -12.26
CA VAL A 312 -12.52 -0.26 -11.87
C VAL A 312 -13.12 0.36 -13.11
N GLU A 313 -14.41 0.69 -13.06
CA GLU A 313 -15.04 1.31 -14.24
C GLU A 313 -14.22 2.51 -14.71
N GLY A 314 -13.75 2.46 -15.94
CA GLY A 314 -12.90 3.50 -16.51
C GLY A 314 -11.44 3.15 -16.56
N VAL A 315 -11.06 1.98 -16.13
CA VAL A 315 -9.69 1.52 -16.26
C VAL A 315 -9.67 0.39 -17.28
N GLY A 316 -8.63 0.34 -18.10
CA GLY A 316 -8.47 -0.67 -19.11
C GLY A 316 -7.44 -1.67 -18.63
N VAL A 317 -7.64 -2.93 -19.01
CA VAL A 317 -6.73 -4.02 -18.63
C VAL A 317 -6.54 -4.94 -19.82
N ARG A 318 -5.30 -5.39 -20.01
CA ARG A 318 -5.00 -6.50 -20.90
C ARG A 318 -3.89 -7.33 -20.26
N LEU A 319 -3.69 -8.54 -20.77
CA LEU A 319 -2.59 -9.40 -20.35
C LEU A 319 -1.60 -9.52 -21.51
N GLU A 320 -0.33 -9.24 -21.23
CA GLU A 320 0.76 -9.50 -22.16
C GLU A 320 1.17 -10.94 -21.91
N PRO A 321 0.87 -11.88 -22.80
CA PRO A 321 0.98 -13.31 -22.42
C PRO A 321 2.42 -13.69 -22.17
N LEU A 322 2.61 -14.53 -21.15
CA LEU A 322 3.92 -15.11 -20.93
C LEU A 322 4.26 -16.10 -22.03
N ALA A 323 3.25 -16.78 -22.58
CA ALA A 323 3.42 -17.65 -23.73
C ALA A 323 2.10 -17.68 -24.50
N ALA A 324 2.21 -17.71 -25.83
CA ALA A 324 1.03 -17.89 -26.67
C ALA A 324 0.26 -19.16 -26.36
N ASP A 325 0.85 -20.08 -25.59
CA ASP A 325 0.14 -21.29 -25.18
C ASP A 325 -1.06 -20.94 -24.31
N ARG A 326 -0.86 -20.06 -23.32
CA ARG A 326 -1.88 -19.72 -22.33
C ARG A 326 -2.17 -18.22 -22.40
N PRO A 327 -3.00 -17.80 -23.36
CA PRO A 327 -3.33 -16.37 -23.43
C PRO A 327 -3.97 -15.81 -22.17
N ASP A 328 -4.68 -16.61 -21.40
CA ASP A 328 -5.35 -16.12 -20.19
CA ASP A 328 -5.35 -16.18 -20.17
C ASP A 328 -4.39 -15.93 -19.01
N LEU A 329 -3.09 -15.90 -19.29
CA LEU A 329 -2.05 -15.81 -18.24
C LEU A 329 -0.96 -14.93 -18.79
N GLY A 330 -0.76 -13.75 -18.20
CA GLY A 330 0.21 -12.81 -18.71
C GLY A 330 0.53 -11.71 -17.74
N GLU A 331 1.48 -10.88 -18.12
CA GLU A 331 1.72 -9.68 -17.37
C GLU A 331 0.50 -8.77 -17.49
N LEU A 332 0.11 -8.15 -16.40
CA LEU A 332 -1.03 -7.24 -16.41
C LEU A 332 -0.59 -5.87 -16.89
N VAL A 333 -1.23 -5.38 -17.96
CA VAL A 333 -1.00 -4.05 -18.51
C VAL A 333 -2.28 -3.23 -18.35
N LEU A 334 -2.13 -1.99 -17.85
CA LEU A 334 -3.24 -1.14 -17.47
C LEU A 334 -3.27 0.15 -18.29
N ILE A 335 -4.46 0.71 -18.45
CA ILE A 335 -4.62 1.90 -19.27
C ILE A 335 -5.47 2.88 -18.49
N SER A 336 -4.96 4.10 -18.31
CA SER A 336 -5.66 5.15 -17.60
C SER A 336 -5.22 6.51 -18.13
N ASP A 337 -6.10 7.49 -17.97
CA ASP A 337 -5.78 8.88 -18.29
C ASP A 337 -5.43 9.66 -17.04
N CYS A 338 -5.30 9.01 -15.89
CA CYS A 338 -5.07 9.72 -14.65
C CYS A 338 -4.21 8.88 -13.71
N THR A 339 -2.97 8.64 -14.12
CA THR A 339 -1.98 8.00 -13.29
C THR A 339 -1.07 9.07 -12.67
N SER A 340 -0.03 8.61 -12.00
CA SER A 340 1.04 9.50 -11.59
C SER A 340 1.79 9.98 -12.84
N GLU A 341 2.74 10.88 -12.64
CA GLU A 341 3.56 11.38 -13.73
C GLU A 341 4.80 10.53 -13.89
N GLY A 342 4.87 9.39 -13.22
CA GLY A 342 6.00 8.51 -13.38
C GLY A 342 7.04 8.78 -12.32
N TYR A 343 8.25 8.29 -12.58
CA TYR A 343 9.33 8.33 -11.61
C TYR A 343 10.23 9.54 -11.86
N VAL A 344 10.75 10.11 -10.78
CA VAL A 344 11.68 11.23 -10.88
C VAL A 344 13.08 10.64 -10.96
N GLY A 345 13.80 11.01 -12.00
CA GLY A 345 15.21 10.68 -12.13
C GLY A 345 15.45 9.19 -12.11
N SER A 346 14.71 8.43 -12.94
CA SER A 346 14.87 6.98 -13.04
C SER A 346 14.39 6.59 -14.43
N ASP A 347 15.25 6.85 -15.43
CA ASP A 347 14.86 6.69 -16.82
C ASP A 347 14.60 5.23 -17.18
N GLU A 348 15.39 4.30 -16.61
CA GLU A 348 15.17 2.88 -16.90
C GLU A 348 13.82 2.41 -16.40
N ALA A 349 13.44 2.84 -15.20
CA ALA A 349 12.19 2.40 -14.59
C ALA A 349 10.99 2.94 -15.37
N ASN A 350 11.00 4.24 -15.70
CA ASN A 350 9.92 4.80 -16.50
C ASN A 350 9.80 4.09 -17.85
N ALA A 351 10.93 3.81 -18.50
CA ALA A 351 10.91 3.16 -19.80
C ALA A 351 10.25 1.80 -19.71
N ARG A 352 10.55 1.03 -18.66
CA ARG A 352 9.96 -0.30 -18.57
C ARG A 352 8.52 -0.27 -18.08
N THR A 353 8.11 0.79 -17.38
CA THR A 353 6.83 0.81 -16.70
C THR A 353 5.80 1.64 -17.45
N PHE A 354 6.12 2.89 -17.77
CA PHE A 354 5.22 3.75 -18.54
C PHE A 354 5.65 3.66 -20.01
N ARG A 355 4.97 2.79 -20.76
CA ARG A 355 5.25 2.59 -22.19
C ARG A 355 4.12 3.23 -22.99
N GLY A 356 4.21 4.53 -23.17
CA GLY A 356 3.20 5.23 -23.94
C GLY A 356 1.96 5.43 -23.12
N GLU A 357 0.83 5.00 -23.66
CA GLU A 357 -0.42 5.11 -22.93
C GLU A 357 -0.59 4.01 -21.89
N GLU A 358 0.28 3.00 -21.91
CA GLU A 358 0.10 1.80 -21.10
C GLU A 358 1.01 1.82 -19.88
N PHE A 359 0.55 1.15 -18.83
CA PHE A 359 1.29 0.99 -17.57
C PHE A 359 1.51 -0.52 -17.39
N TRP A 360 2.78 -0.94 -17.44
CA TRP A 360 3.18 -2.32 -17.26
C TRP A 360 3.47 -2.59 -15.79
N THR A 361 2.64 -3.44 -15.19
CA THR A 361 2.66 -3.63 -13.75
C THR A 361 3.82 -4.50 -13.28
N GLY A 362 4.38 -5.33 -14.15
CA GLY A 362 5.29 -6.36 -13.70
C GLY A 362 4.66 -7.43 -12.81
N ASP A 363 3.32 -7.49 -12.78
CA ASP A 363 2.59 -8.50 -12.03
C ASP A 363 1.97 -9.49 -13.02
N VAL A 364 1.76 -10.71 -12.55
CA VAL A 364 1.15 -11.77 -13.34
C VAL A 364 -0.30 -11.91 -12.94
N ALA A 365 -1.21 -11.85 -13.91
CA ALA A 365 -2.63 -12.05 -13.67
C ALA A 365 -3.12 -13.20 -14.52
N GLN A 366 -4.28 -13.74 -14.15
CA GLN A 366 -4.91 -14.83 -14.86
C GLN A 366 -6.40 -14.56 -14.95
N ARG A 367 -6.96 -14.77 -16.16
CA ARG A 367 -8.40 -14.83 -16.34
C ARG A 367 -8.93 -16.19 -15.95
N GLY A 368 -10.11 -16.22 -15.35
CA GLY A 368 -10.75 -17.44 -15.00
C GLY A 368 -12.03 -17.56 -15.79
N PRO A 369 -12.60 -18.78 -15.83
CA PRO A 369 -13.86 -18.98 -16.55
C PRO A 369 -14.86 -17.86 -16.34
N ASP A 370 -14.95 -17.33 -15.11
CA ASP A 370 -15.95 -16.32 -14.80
C ASP A 370 -15.56 -14.92 -15.27
N GLY A 371 -14.46 -14.79 -16.02
CA GLY A 371 -14.05 -13.52 -16.55
C GLY A 371 -13.30 -12.61 -15.60
N THR A 372 -13.24 -12.96 -14.32
CA THR A 372 -12.48 -12.13 -13.39
C THR A 372 -10.98 -12.37 -13.56
N LEU A 373 -10.20 -11.47 -13.01
CA LEU A 373 -8.75 -11.54 -13.08
C LEU A 373 -8.22 -11.71 -11.66
N ARG A 374 -7.34 -12.68 -11.50
CA ARG A 374 -6.62 -12.87 -10.27
C ARG A 374 -5.19 -12.41 -10.50
N VAL A 375 -4.74 -11.47 -9.71
CA VAL A 375 -3.34 -11.03 -9.73
C VAL A 375 -2.56 -11.96 -8.80
N LEU A 376 -1.58 -12.66 -9.33
CA LEU A 376 -0.97 -13.76 -8.61
C LEU A 376 0.33 -13.38 -7.94
N GLY A 377 1.02 -12.37 -8.48
CA GLY A 377 2.26 -11.90 -7.89
C GLY A 377 3.20 -11.39 -8.98
N ARG A 378 4.47 -11.22 -8.59
CA ARG A 378 5.44 -10.63 -9.50
C ARG A 378 5.81 -11.60 -10.60
N VAL A 379 5.96 -11.06 -11.82
CA VAL A 379 6.45 -11.85 -12.94
C VAL A 379 7.75 -12.55 -12.58
N THR A 380 8.63 -11.86 -11.89
CA THR A 380 9.91 -12.44 -11.47
C THR A 380 9.77 -13.58 -10.47
N GLU A 381 8.55 -13.91 -10.05
CA GLU A 381 8.35 -14.98 -9.08
C GLU A 381 7.61 -16.18 -9.66
N THR A 382 7.52 -16.29 -10.99
CA THR A 382 6.74 -17.35 -11.62
CA THR A 382 6.73 -17.34 -11.61
C THR A 382 7.51 -18.66 -11.63
N LEU A 383 6.83 -19.74 -11.25
CA LEU A 383 7.38 -21.09 -11.30
C LEU A 383 6.50 -21.90 -12.24
N ALA A 384 7.11 -22.81 -13.01
CA ALA A 384 6.37 -23.70 -13.89
C ALA A 384 5.95 -24.93 -13.09
N ALA A 385 4.75 -24.88 -12.52
CA ALA A 385 4.25 -25.93 -11.65
C ALA A 385 3.20 -26.77 -12.36
N ALA A 386 2.93 -27.95 -11.80
CA ALA A 386 1.80 -28.73 -12.26
C ALA A 386 0.53 -27.90 -12.15
N GLY A 387 -0.29 -27.93 -13.18
CA GLY A 387 -1.48 -27.10 -13.18
C GLY A 387 -1.28 -25.70 -13.71
N GLY A 388 -0.07 -25.35 -14.14
CA GLY A 388 0.19 -24.05 -14.72
C GLY A 388 1.17 -23.24 -13.91
N PRO A 389 1.46 -22.01 -14.37
CA PRO A 389 2.36 -21.13 -13.62
C PRO A 389 1.89 -20.94 -12.19
N LEU A 390 2.85 -20.94 -11.28
CA LEU A 390 2.60 -20.78 -9.85
C LEU A 390 3.55 -19.70 -9.36
N LEU A 391 3.04 -18.79 -8.52
CA LEU A 391 3.82 -17.69 -7.99
C LEU A 391 4.31 -18.05 -6.60
N ALA A 392 5.59 -17.77 -6.34
CA ALA A 392 6.24 -18.18 -5.11
C ALA A 392 5.48 -17.86 -3.83
N PRO A 393 4.83 -16.71 -3.68
CA PRO A 393 4.09 -16.46 -2.43
C PRO A 393 3.11 -17.56 -2.12
N VAL A 394 2.56 -18.19 -3.15
CA VAL A 394 1.62 -19.27 -2.93
C VAL A 394 2.32 -20.43 -2.25
N LEU A 395 3.49 -20.84 -2.78
CA LEU A 395 4.23 -21.95 -2.21
C LEU A 395 4.74 -21.59 -0.83
N ASP A 396 5.11 -20.32 -0.65
CA ASP A 396 5.59 -19.90 0.66
C ASP A 396 4.50 -20.09 1.72
N GLU A 397 3.28 -19.65 1.42
CA GLU A 397 2.20 -19.85 2.38
C GLU A 397 1.97 -21.33 2.62
N GLU A 398 1.98 -22.14 1.57
CA GLU A 398 1.75 -23.57 1.76
C GLU A 398 2.83 -24.18 2.64
N ILE A 399 4.10 -23.96 2.32
CA ILE A 399 5.18 -24.57 3.10
C ILE A 399 5.15 -24.10 4.55
N ALA A 400 4.86 -22.81 4.76
CA ALA A 400 4.88 -22.24 6.10
C ALA A 400 3.82 -22.89 6.97
N ALA A 401 2.63 -23.13 6.41
CA ALA A 401 1.51 -23.62 7.22
C ALA A 401 1.55 -25.13 7.41
N GLY A 402 2.16 -25.85 6.49
CA GLY A 402 2.13 -27.30 6.54
C GLY A 402 3.42 -27.97 6.98
N CYS A 403 4.53 -27.23 6.99
CA CYS A 403 5.83 -27.80 7.28
C CYS A 403 6.40 -27.19 8.55
N PRO A 404 7.28 -27.95 9.29
CA PRO A 404 7.84 -27.42 10.56
C PRO A 404 8.99 -26.46 10.30
N VAL A 405 8.65 -25.31 9.72
CA VAL A 405 9.61 -24.25 9.45
C VAL A 405 9.21 -23.03 10.26
N LEU A 406 10.20 -22.25 10.70
CA LEU A 406 9.93 -20.94 11.29
C LEU A 406 9.62 -19.93 10.20
N GLU A 407 10.35 -19.99 9.08
CA GLU A 407 10.01 -19.20 7.92
C GLU A 407 10.52 -19.90 6.67
N THR A 408 10.05 -19.43 5.51
CA THR A 408 10.50 -19.94 4.23
C THR A 408 10.45 -18.84 3.19
N ALA A 409 11.30 -18.98 2.18
CA ALA A 409 11.31 -18.09 1.04
C ALA A 409 11.56 -18.96 -0.19
N ALA A 410 10.58 -18.99 -1.09
CA ALA A 410 10.71 -19.67 -2.37
C ALA A 410 11.01 -18.66 -3.48
N LEU A 411 12.05 -18.93 -4.23
CA LEU A 411 12.38 -18.12 -5.38
C LEU A 411 12.61 -19.04 -6.56
N PRO A 412 12.33 -18.56 -7.78
CA PRO A 412 12.72 -19.33 -8.97
C PRO A 412 14.22 -19.50 -8.98
N ALA A 413 14.67 -20.67 -9.43
CA ALA A 413 16.08 -21.03 -9.20
C ALA A 413 17.03 -20.24 -10.09
N HIS A 414 16.58 -19.86 -11.28
CA HIS A 414 17.43 -19.24 -12.28
C HIS A 414 16.81 -17.93 -12.74
N PRO A 415 17.64 -16.91 -12.93
CA PRO A 415 17.07 -15.56 -13.12
C PRO A 415 16.20 -15.41 -14.35
N ASP A 416 16.59 -16.02 -15.47
CA ASP A 416 16.01 -15.66 -16.75
C ASP A 416 14.92 -16.62 -17.23
N ARG A 417 14.81 -17.82 -16.67
CA ARG A 417 13.94 -18.83 -17.24
C ARG A 417 12.74 -19.13 -16.35
N TYR A 418 11.73 -19.71 -17.00
CA TYR A 418 10.48 -20.19 -16.39
C TYR A 418 10.64 -21.70 -16.27
N SER A 419 10.96 -22.16 -15.07
CA SER A 419 11.33 -23.54 -14.81
C SER A 419 10.40 -24.13 -13.77
N ASP A 420 10.45 -25.46 -13.63
CA ASP A 420 9.91 -26.13 -12.44
C ASP A 420 10.93 -26.22 -11.31
N GLU A 421 12.04 -25.52 -11.41
CA GLU A 421 13.11 -25.59 -10.42
C GLU A 421 13.01 -24.40 -9.47
N VAL A 422 12.95 -24.69 -8.18
CA VAL A 422 12.77 -23.70 -7.14
CA VAL A 422 12.78 -23.68 -7.15
C VAL A 422 14.00 -23.64 -6.24
N LEU A 423 14.45 -22.43 -5.93
CA LEU A 423 15.42 -22.20 -4.88
C LEU A 423 14.63 -22.03 -3.59
N LEU A 424 14.77 -22.99 -2.67
CA LEU A 424 13.95 -23.00 -1.46
C LEU A 424 14.82 -22.78 -0.23
N VAL A 425 14.65 -21.63 0.41
CA VAL A 425 15.39 -21.28 1.62
C VAL A 425 14.48 -21.55 2.81
N LEU A 426 14.92 -22.42 3.70
CA LEU A 426 14.14 -22.85 4.86
C LEU A 426 14.90 -22.49 6.12
N HIS A 427 14.19 -21.85 7.06
CA HIS A 427 14.69 -21.61 8.40
C HIS A 427 14.14 -22.73 9.28
N PRO A 428 14.90 -23.77 9.58
CA PRO A 428 14.30 -24.94 10.24
C PRO A 428 13.88 -24.63 11.67
N ASP A 429 12.77 -25.22 12.08
CA ASP A 429 12.39 -25.23 13.48
C ASP A 429 13.42 -26.06 14.24
N PRO A 430 14.35 -25.42 14.96
CA PRO A 430 15.40 -26.20 15.63
C PRO A 430 14.87 -27.28 16.55
N ASP A 431 13.64 -27.15 17.02
CA ASP A 431 13.07 -28.12 17.94
C ASP A 431 12.57 -29.37 17.24
N ARG A 432 12.34 -29.34 15.96
CA ARG A 432 11.74 -30.48 15.27
C ARG A 432 12.80 -31.22 14.44
N PRO A 433 12.64 -32.53 14.29
CA PRO A 433 13.66 -33.31 13.55
C PRO A 433 13.81 -32.82 12.12
N GLU A 434 15.00 -33.05 11.54
CA GLU A 434 15.25 -32.60 10.18
C GLU A 434 14.56 -33.50 9.15
N GLN A 435 14.49 -34.81 9.42
CA GLN A 435 13.78 -35.71 8.52
C GLN A 435 12.32 -35.33 8.38
N GLU A 436 11.71 -34.84 9.45
CA GLU A 436 10.32 -34.36 9.40
C GLU A 436 10.21 -33.14 8.48
N LEU A 437 11.22 -32.27 8.49
CA LEU A 437 11.20 -31.13 7.58
C LEU A 437 11.22 -31.59 6.12
N ARG A 438 12.11 -32.51 5.79
CA ARG A 438 12.28 -32.88 4.39
C ARG A 438 11.13 -33.74 3.88
N LYS A 439 10.48 -34.51 4.75
CA LYS A 439 9.30 -35.25 4.30
C LYS A 439 8.15 -34.30 4.02
N ALA A 440 7.94 -33.33 4.92
CA ALA A 440 6.85 -32.38 4.76
C ALA A 440 7.10 -31.50 3.54
N VAL A 441 8.35 -31.07 3.35
CA VAL A 441 8.70 -30.26 2.18
C VAL A 441 8.54 -31.07 0.90
N ALA A 442 9.01 -32.32 0.89
CA ALA A 442 8.85 -33.13 -0.31
C ALA A 442 7.38 -33.23 -0.71
N GLU A 443 6.48 -33.34 0.27
CA GLU A 443 5.06 -33.47 -0.05
C GLU A 443 4.53 -32.24 -0.76
N VAL A 444 4.81 -31.05 -0.22
CA VAL A 444 4.35 -29.81 -0.85
C VAL A 444 4.91 -29.71 -2.26
N LEU A 445 6.23 -29.90 -2.39
CA LEU A 445 6.83 -29.76 -3.71
C LEU A 445 6.20 -30.73 -4.73
N ASP A 446 5.97 -31.99 -4.33
CA ASP A 446 5.38 -32.96 -5.24
C ASP A 446 3.92 -32.62 -5.55
N ARG A 447 3.21 -31.99 -4.61
CA ARG A 447 1.85 -31.56 -4.90
C ARG A 447 1.83 -30.56 -6.07
N HIS A 448 2.94 -29.86 -6.28
CA HIS A 448 3.02 -28.85 -7.33
C HIS A 448 3.94 -29.25 -8.47
N GLY A 449 4.49 -30.46 -8.44
CA GLY A 449 5.39 -30.90 -9.48
C GLY A 449 6.71 -30.17 -9.51
N LEU A 450 7.15 -29.63 -8.40
CA LEU A 450 8.31 -28.76 -8.41
C LEU A 450 9.54 -29.55 -8.04
N ARG A 451 10.66 -29.20 -8.66
CA ARG A 451 12.00 -29.60 -8.25
C ARG A 451 12.60 -28.48 -7.41
N ALA A 452 13.27 -28.82 -6.31
CA ALA A 452 13.82 -27.77 -5.44
C ALA A 452 15.28 -28.02 -5.11
N SER A 453 16.04 -26.93 -5.05
CA SER A 453 17.34 -26.89 -4.41
C SER A 453 17.14 -26.16 -3.09
N ILE A 454 17.50 -26.81 -2.00
CA ILE A 454 17.12 -26.39 -0.66
C ILE A 454 18.33 -25.83 0.08
N ARG A 455 18.13 -24.70 0.73
CA ARG A 455 19.16 -24.01 1.50
C ARG A 455 18.61 -23.89 2.91
N LEU A 456 19.09 -24.74 3.82
CA LEU A 456 18.76 -24.62 5.22
C LEU A 456 19.67 -23.58 5.86
N THR A 457 19.08 -22.60 6.55
CA THR A 457 19.86 -21.58 7.24
C THR A 457 18.97 -20.84 8.22
N ASP A 458 19.56 -20.42 9.34
CA ASP A 458 18.86 -19.50 10.23
C ASP A 458 19.36 -18.07 10.09
N ASP A 459 20.06 -17.77 8.99
CA ASP A 459 20.57 -16.44 8.74
C ASP A 459 19.75 -15.83 7.61
N ILE A 460 18.52 -15.45 7.93
CA ILE A 460 17.57 -14.95 6.95
C ILE A 460 17.52 -13.43 7.06
N PRO A 461 17.68 -12.69 5.96
CA PRO A 461 17.40 -11.25 6.00
C PRO A 461 15.91 -11.01 6.09
N HIS A 462 15.51 -10.20 7.06
CA HIS A 462 14.09 -9.91 7.26
C HIS A 462 13.75 -8.45 6.93
N THR A 463 12.51 -8.24 6.47
CA THR A 463 11.99 -6.89 6.38
C THR A 463 11.64 -6.42 7.79
N PRO A 464 11.45 -5.11 7.98
CA PRO A 464 11.15 -4.61 9.34
C PRO A 464 9.89 -5.20 9.95
N VAL A 465 8.97 -5.77 9.15
CA VAL A 465 7.78 -6.39 9.70
C VAL A 465 7.99 -7.89 9.86
N GLY A 466 9.21 -8.37 9.60
CA GLY A 466 9.59 -9.74 9.93
C GLY A 466 9.44 -10.76 8.82
N LYS A 467 9.31 -10.31 7.58
CA LYS A 467 9.21 -11.30 6.52
C LYS A 467 10.57 -11.50 5.85
N PRO A 468 10.81 -12.67 5.25
CA PRO A 468 12.06 -12.83 4.48
C PRO A 468 12.15 -11.77 3.40
N ASP A 469 13.36 -11.23 3.25
CA ASP A 469 13.67 -10.28 2.20
C ASP A 469 14.14 -11.12 1.01
N LYS A 470 13.20 -11.47 0.15
CA LYS A 470 13.54 -12.34 -0.98
C LYS A 470 14.56 -11.72 -1.93
N PRO A 471 14.56 -10.41 -2.20
CA PRO A 471 15.65 -9.85 -3.03
C PRO A 471 17.05 -10.08 -2.47
N ALA A 472 17.23 -9.95 -1.16
CA ALA A 472 18.53 -10.23 -0.56
C ALA A 472 18.84 -11.72 -0.61
N LEU A 473 17.84 -12.57 -0.42
CA LEU A 473 18.06 -14.00 -0.54
C LEU A 473 18.47 -14.41 -1.95
N ARG A 474 17.88 -13.77 -2.97
CA ARG A 474 18.23 -14.10 -4.35
C ARG A 474 19.67 -13.67 -4.64
N ARG A 475 20.07 -12.50 -4.17
CA ARG A 475 21.43 -12.03 -4.47
C ARG A 475 22.48 -12.94 -3.88
N ARG A 476 22.14 -13.72 -2.85
CA ARG A 476 23.10 -14.60 -2.20
C ARG A 476 23.12 -15.98 -2.84
N TRP A 477 21.94 -16.62 -2.99
CA TRP A 477 21.90 -18.04 -3.31
C TRP A 477 21.37 -18.37 -4.71
N GLU A 478 20.93 -17.39 -5.49
CA GLU A 478 20.51 -17.67 -6.86
C GLU A 478 21.63 -18.35 -7.64
N SER A 479 21.26 -19.28 -8.51
CA SER A 479 22.25 -20.02 -9.28
C SER A 479 22.81 -19.15 -10.40
N GLY A 480 23.94 -19.58 -10.94
CA GLY A 480 24.53 -18.93 -12.09
C GLY A 480 24.65 -19.88 -13.27
N ALA A 481 25.41 -19.46 -14.29
CA ALA A 481 25.57 -20.25 -15.50
C ALA A 481 26.39 -21.51 -15.28
N LEU A 482 27.14 -21.60 -14.18
CA LEU A 482 28.04 -22.72 -13.95
C LEU A 482 27.59 -23.65 -12.82
N GLY A 483 26.52 -23.32 -12.11
CA GLY A 483 26.03 -24.20 -11.07
C GLY A 483 25.44 -23.47 -9.88
N PRO A 484 25.11 -24.24 -8.83
CA PRO A 484 24.46 -23.65 -7.66
C PRO A 484 25.45 -22.97 -6.72
N VAL A 485 24.93 -21.98 -5.99
CA VAL A 485 25.70 -21.31 -4.93
C VAL A 485 25.59 -22.13 -3.65
#